data_1UXR
#
_entry.id   1UXR
#
_cell.length_a   185.350
_cell.length_b   185.350
_cell.length_c   134.560
_cell.angle_alpha   90.00
_cell.angle_beta   90.00
_cell.angle_gamma   120.00
#
_symmetry.space_group_name_H-M   'P 62 2 2'
#
loop_
_entity.id
_entity.type
_entity.pdbx_description
1 polymer 'GLYCERALDEHYDE-3-PHOSPHATE DEHYDROGENASE (NADP+)'
2 non-polymer 'NADP NICOTINAMIDE-ADENINE-DINUCLEOTIDE PHOSPHATE'
3 non-polymer 6-O-phosphono-beta-D-fructofuranose
4 non-polymer 'SODIUM ION'
5 water water
#
_entity_poly.entity_id   1
_entity_poly.type   'polypeptide(L)'
_entity_poly.pdbx_seq_one_letter_code
;MRAGLLEGVIKEKGGVPVYPSYLAGEWGGSGQEIEVKSPIDLATIAKVISPSREEVERTLDVLFKRGRWSARDMPGTERL
AVLRKAADIIERNLDVFAEVLVMNAGKPKSAAVGEVKAAVDRLRLAELDLKKIGGDYIPGDWTYDTLETEGLVRREPLGV
VAAITPFNYPLFDAVNKITYSFIYGNAVVVKPSISDPLPAAMAVKALLDAGFPPDAIALLNLPGKEAEKIVADDRVAAVS
FTGSTEVGERVVKVGGVKQYVMELGGGDPAIVLEDADLDLAADKIARGIYSYAGQRCDAIKLVLAERPVYGKLVEEVAKR
LSSLRVGDPRDPTVDVGPLISPSAVDEMMAAIEDAVEKGGRVLAGGRRLGPTYVQPTFVEAPADRVKDMVLYKREVFAPV
ALAVEVKDLDQAIELANGRPYGLDAAVFGRDVVKIRRAVRLLEVGAIYINDMPRHGIGYYPFGGRKKSGVFREGIGYAVE
AVTAYKTIVFNYKGKGVWKYE
;
_entity_poly.pdbx_strand_id   A
#
loop_
_chem_comp.id
_chem_comp.type
_chem_comp.name
_chem_comp.formula
F6P D-saccharide, beta linking 6-O-phosphono-beta-D-fructofuranose 'C6 H13 O9 P'
NA non-polymer 'SODIUM ION' 'Na 1'
NAP non-polymer 'NADP NICOTINAMIDE-ADENINE-DINUCLEOTIDE PHOSPHATE' 'C21 H28 N7 O17 P3'
#
# COMPACT_ATOMS: atom_id res chain seq x y z
N ALA A 3 13.58 23.79 3.82
CA ALA A 3 12.95 24.60 2.72
C ALA A 3 11.43 24.77 2.95
N GLY A 4 11.04 25.97 3.37
CA GLY A 4 9.63 26.25 3.63
C GLY A 4 9.02 25.36 4.69
N LEU A 5 8.47 24.24 4.25
CA LEU A 5 7.83 23.26 5.13
C LEU A 5 8.82 22.68 6.13
N LEU A 6 9.99 22.29 5.63
CA LEU A 6 11.03 21.71 6.48
C LEU A 6 12.17 22.68 6.77
N GLU A 7 11.88 23.97 6.69
CA GLU A 7 12.86 25.02 6.91
C GLU A 7 13.84 24.77 8.07
N GLY A 8 13.35 24.83 9.30
CA GLY A 8 14.23 24.63 10.44
C GLY A 8 14.50 23.17 10.81
N VAL A 9 13.98 22.25 10.01
CA VAL A 9 14.15 20.83 10.27
C VAL A 9 15.33 20.25 9.50
N ILE A 10 15.32 20.45 8.18
CA ILE A 10 16.41 19.97 7.34
C ILE A 10 17.69 20.74 7.67
N LYS A 11 18.80 20.01 7.75
CA LYS A 11 20.09 20.62 8.04
C LYS A 11 21.03 20.43 6.84
N GLU A 12 21.37 21.52 6.16
CA GLU A 12 22.28 21.43 5.02
C GLU A 12 23.67 21.17 5.59
N LYS A 13 24.18 19.97 5.35
CA LYS A 13 25.48 19.59 5.87
C LYS A 13 26.28 18.94 4.73
N GLY A 14 27.42 19.58 4.40
CA GLY A 14 28.27 19.07 3.35
C GLY A 14 27.59 19.05 1.99
N GLY A 15 26.86 20.12 1.69
CA GLY A 15 26.16 20.23 0.42
C GLY A 15 24.96 19.32 0.18
N VAL A 16 24.69 18.40 1.09
CA VAL A 16 23.56 17.48 0.92
C VAL A 16 22.58 17.62 2.07
N PRO A 17 21.31 17.94 1.76
CA PRO A 17 20.30 18.09 2.82
C PRO A 17 20.18 16.86 3.72
N VAL A 18 20.25 17.08 5.03
CA VAL A 18 20.15 15.99 6.01
C VAL A 18 18.81 16.03 6.77
N TYR A 19 17.99 15.01 6.54
CA TYR A 19 16.67 14.86 7.16
C TYR A 19 16.71 14.09 8.47
N PRO A 20 16.33 14.74 9.59
CA PRO A 20 16.36 14.01 10.86
C PRO A 20 15.09 13.18 11.07
N SER A 21 15.10 12.32 12.08
CA SER A 21 13.92 11.50 12.40
C SER A 21 13.06 12.36 13.33
N TYR A 22 11.79 12.00 13.49
CA TYR A 22 10.96 12.76 14.43
C TYR A 22 10.75 11.83 15.63
N LEU A 23 11.26 12.25 16.79
CA LEU A 23 11.18 11.45 18.01
C LEU A 23 10.06 11.73 19.01
N ALA A 24 8.83 11.82 18.50
CA ALA A 24 7.66 12.07 19.32
C ALA A 24 7.85 13.27 20.24
N GLY A 25 8.18 14.41 19.63
CA GLY A 25 8.39 15.62 20.40
C GLY A 25 9.35 16.58 19.72
N GLU A 26 10.48 16.06 19.28
CA GLU A 26 11.50 16.87 18.64
C GLU A 26 12.16 16.15 17.46
N TRP A 27 12.47 16.88 16.40
CA TRP A 27 13.17 16.29 15.26
C TRP A 27 14.62 16.13 15.71
N GLY A 28 15.25 15.00 15.37
CA GLY A 28 16.61 14.79 15.80
C GLY A 28 17.18 13.46 15.33
N GLY A 29 18.03 12.86 16.17
CA GLY A 29 18.65 11.60 15.84
C GLY A 29 20.16 11.62 16.06
N SER A 30 20.69 10.55 16.63
CA SER A 30 22.12 10.44 16.91
C SER A 30 22.68 9.15 16.33
N GLY A 31 21.89 8.48 15.49
CA GLY A 31 22.36 7.24 14.91
C GLY A 31 23.12 7.49 13.63
N GLN A 32 23.48 6.40 12.94
CA GLN A 32 24.21 6.50 11.69
C GLN A 32 23.41 7.35 10.70
N GLU A 33 24.11 8.07 9.84
CA GLU A 33 23.44 8.85 8.81
C GLU A 33 23.39 7.93 7.62
N ILE A 34 22.34 8.03 6.82
CA ILE A 34 22.20 7.14 5.68
C ILE A 34 21.88 7.92 4.42
N GLU A 35 22.54 7.55 3.33
CA GLU A 35 22.35 8.21 2.06
C GLU A 35 21.05 7.80 1.40
N VAL A 36 20.43 8.76 0.72
CA VAL A 36 19.20 8.53 0.01
C VAL A 36 19.50 8.89 -1.44
N LYS A 37 19.27 7.97 -2.35
CA LYS A 37 19.57 8.22 -3.75
C LYS A 37 18.38 8.28 -4.69
N SER A 38 18.60 8.86 -5.86
CA SER A 38 17.55 8.97 -6.86
C SER A 38 17.77 7.86 -7.88
N PRO A 39 16.70 7.21 -8.35
CA PRO A 39 16.87 6.13 -9.34
C PRO A 39 17.04 6.76 -10.72
N ILE A 40 16.84 8.07 -10.79
CA ILE A 40 16.98 8.76 -12.05
C ILE A 40 18.44 8.89 -12.49
N ASP A 41 19.36 9.03 -11.53
CA ASP A 41 20.78 9.17 -11.86
C ASP A 41 21.71 8.53 -10.84
N LEU A 42 21.15 7.74 -9.92
CA LEU A 42 21.95 7.06 -8.90
C LEU A 42 22.71 7.99 -7.96
N ALA A 43 22.42 9.28 -8.05
CA ALA A 43 23.11 10.25 -7.21
C ALA A 43 22.45 10.40 -5.85
N THR A 44 23.26 10.77 -4.86
CA THR A 44 22.79 11.00 -3.50
C THR A 44 22.08 12.35 -3.48
N ILE A 45 20.83 12.38 -3.04
CA ILE A 45 20.08 13.64 -3.01
C ILE A 45 19.82 14.13 -1.60
N ALA A 46 20.14 13.30 -0.61
CA ALA A 46 19.92 13.69 0.77
C ALA A 46 20.42 12.62 1.68
N LYS A 47 20.30 12.87 2.96
CA LYS A 47 20.70 11.92 3.97
C LYS A 47 19.61 11.95 5.05
N VAL A 48 19.44 10.84 5.76
CA VAL A 48 18.47 10.78 6.84
C VAL A 48 19.21 10.34 8.08
N ILE A 49 18.86 10.89 9.22
CA ILE A 49 19.51 10.51 10.45
C ILE A 49 18.68 9.43 11.13
N SER A 50 19.25 8.26 11.33
CA SER A 50 18.51 7.19 11.98
C SER A 50 18.62 7.46 13.47
N PRO A 51 17.66 6.96 14.27
CA PRO A 51 17.74 7.18 15.72
C PRO A 51 18.61 6.12 16.35
N SER A 52 19.16 6.42 17.52
CA SER A 52 19.98 5.45 18.22
C SER A 52 19.03 4.53 18.99
N ARG A 53 19.56 3.42 19.49
CA ARG A 53 18.74 2.47 20.25
C ARG A 53 18.04 3.22 21.38
N GLU A 54 18.82 4.03 22.08
CA GLU A 54 18.33 4.83 23.20
C GLU A 54 17.19 5.78 22.78
N GLU A 55 17.30 6.33 21.57
CA GLU A 55 16.28 7.26 21.08
C GLU A 55 15.02 6.50 20.63
N VAL A 56 15.21 5.26 20.18
CA VAL A 56 14.09 4.43 19.76
C VAL A 56 13.31 4.09 21.04
N GLU A 57 14.06 3.66 22.05
CA GLU A 57 13.49 3.31 23.35
C GLU A 57 12.74 4.49 23.95
N ARG A 58 13.37 5.66 23.93
CA ARG A 58 12.75 6.86 24.50
C ARG A 58 11.50 7.25 23.70
N THR A 59 11.58 7.14 22.37
CA THR A 59 10.44 7.49 21.53
C THR A 59 9.23 6.58 21.85
N LEU A 60 9.48 5.28 21.94
CA LEU A 60 8.41 4.35 22.25
C LEU A 60 7.86 4.67 23.62
N ASP A 61 8.73 5.01 24.57
CA ASP A 61 8.28 5.36 25.91
C ASP A 61 7.36 6.58 25.87
N VAL A 62 7.71 7.58 25.07
CA VAL A 62 6.87 8.77 24.96
C VAL A 62 5.51 8.42 24.33
N LEU A 63 5.57 7.68 23.22
CA LEU A 63 4.35 7.28 22.50
C LEU A 63 3.38 6.51 23.40
N PHE A 64 3.93 5.56 24.16
CA PHE A 64 3.16 4.73 25.06
C PHE A 64 2.62 5.50 26.28
N LYS A 65 3.50 6.16 27.03
CA LYS A 65 3.07 6.88 28.22
C LYS A 65 2.30 8.17 28.00
N ARG A 66 2.56 8.87 26.89
CA ARG A 66 1.86 10.13 26.66
C ARG A 66 1.12 10.20 25.35
N GLY A 67 1.74 9.67 24.29
CA GLY A 67 1.12 9.71 22.98
C GLY A 67 -0.26 9.07 22.91
N ARG A 68 -0.42 7.89 23.51
CA ARG A 68 -1.71 7.21 23.50
C ARG A 68 -2.79 8.13 24.04
N TRP A 69 -2.48 8.82 25.13
CA TRP A 69 -3.44 9.72 25.76
C TRP A 69 -3.65 11.04 25.01
N SER A 70 -2.60 11.58 24.38
CA SER A 70 -2.72 12.83 23.62
C SER A 70 -3.63 12.62 22.42
N ALA A 71 -3.46 11.47 21.78
CA ALA A 71 -4.30 11.15 20.63
C ALA A 71 -5.72 10.83 21.07
N ARG A 72 -5.85 9.97 22.07
CA ARG A 72 -7.16 9.56 22.55
C ARG A 72 -7.93 10.71 23.18
N ASP A 73 -7.25 11.55 23.96
CA ASP A 73 -7.92 12.65 24.60
C ASP A 73 -8.17 13.88 23.74
N MET A 74 -7.73 13.84 22.47
CA MET A 74 -8.04 14.93 21.56
C MET A 74 -9.39 14.45 20.98
N PRO A 75 -10.47 15.18 21.24
CA PRO A 75 -11.74 14.71 20.68
C PRO A 75 -11.72 14.54 19.17
N GLY A 76 -12.54 13.60 18.68
CA GLY A 76 -12.60 13.33 17.27
C GLY A 76 -12.81 14.58 16.43
N THR A 77 -13.61 15.50 16.93
CA THR A 77 -13.86 16.72 16.19
C THR A 77 -12.56 17.50 15.92
N GLU A 78 -11.60 17.46 16.84
CA GLU A 78 -10.33 18.15 16.63
C GLU A 78 -9.41 17.32 15.74
N ARG A 79 -9.44 15.99 15.92
CA ARG A 79 -8.59 15.13 15.09
C ARG A 79 -8.91 15.40 13.63
N LEU A 80 -10.20 15.52 13.33
CA LEU A 80 -10.67 15.77 11.99
C LEU A 80 -10.10 17.12 11.50
N ALA A 81 -10.16 18.14 12.36
CA ALA A 81 -9.66 19.47 11.99
C ALA A 81 -8.17 19.37 11.69
N VAL A 82 -7.44 18.59 12.49
CA VAL A 82 -6.03 18.40 12.27
C VAL A 82 -5.79 17.79 10.88
N LEU A 83 -6.46 16.69 10.58
CA LEU A 83 -6.27 16.04 9.28
C LEU A 83 -6.64 16.94 8.12
N ARG A 84 -7.70 17.73 8.27
CA ARG A 84 -8.13 18.64 7.21
C ARG A 84 -7.10 19.75 6.97
N LYS A 85 -6.54 20.27 8.06
CA LYS A 85 -5.55 21.32 7.98
C LYS A 85 -4.30 20.75 7.31
N ALA A 86 -3.92 19.53 7.67
CA ALA A 86 -2.77 18.88 7.06
C ALA A 86 -3.01 18.74 5.55
N ALA A 87 -4.25 18.43 5.18
CA ALA A 87 -4.56 18.29 3.76
C ALA A 87 -4.29 19.63 3.06
N ASP A 88 -4.72 20.73 3.68
CA ASP A 88 -4.52 22.06 3.10
C ASP A 88 -3.02 22.37 2.91
N ILE A 89 -2.23 22.06 3.92
CA ILE A 89 -0.81 22.30 3.88
C ILE A 89 -0.13 21.48 2.79
N ILE A 90 -0.52 20.22 2.64
CA ILE A 90 0.09 19.40 1.61
C ILE A 90 -0.36 19.92 0.25
N GLU A 91 -1.63 20.26 0.14
CA GLU A 91 -2.14 20.76 -1.11
C GLU A 91 -1.41 22.03 -1.59
N ARG A 92 -1.23 23.01 -0.70
CA ARG A 92 -0.55 24.22 -1.15
C ARG A 92 0.94 23.97 -1.43
N ASN A 93 1.49 22.86 -0.94
CA ASN A 93 2.87 22.51 -1.19
C ASN A 93 2.94 21.38 -2.21
N LEU A 94 1.90 21.28 -3.04
CA LEU A 94 1.83 20.21 -4.01
C LEU A 94 3.07 20.02 -4.88
N ASP A 95 3.50 21.09 -5.55
CA ASP A 95 4.67 20.99 -6.42
C ASP A 95 5.89 20.47 -5.69
N VAL A 96 6.10 20.95 -4.48
CA VAL A 96 7.25 20.50 -3.69
C VAL A 96 7.12 19.01 -3.36
N PHE A 97 5.92 18.58 -2.96
CA PHE A 97 5.69 17.17 -2.63
C PHE A 97 5.91 16.33 -3.89
N ALA A 98 5.35 16.77 -5.01
CA ALA A 98 5.50 16.04 -6.25
C ALA A 98 6.97 15.93 -6.71
N GLU A 99 7.68 17.06 -6.70
CA GLU A 99 9.07 17.06 -7.13
C GLU A 99 9.87 16.01 -6.40
N VAL A 100 9.68 15.92 -5.09
CA VAL A 100 10.41 14.95 -4.29
C VAL A 100 10.04 13.52 -4.67
N LEU A 101 8.78 13.30 -5.04
CA LEU A 101 8.34 11.97 -5.44
C LEU A 101 9.03 11.65 -6.76
N VAL A 102 9.03 12.61 -7.67
CA VAL A 102 9.68 12.41 -8.96
C VAL A 102 11.17 12.07 -8.76
N MET A 103 11.88 12.90 -8.00
CA MET A 103 13.31 12.68 -7.76
C MET A 103 13.65 11.50 -6.87
N ASN A 104 12.96 11.39 -5.73
CA ASN A 104 13.28 10.31 -4.82
C ASN A 104 12.78 8.93 -5.26
N ALA A 105 11.59 8.87 -5.86
CA ALA A 105 11.02 7.58 -6.26
C ALA A 105 11.11 7.29 -7.76
N GLY A 106 11.47 8.30 -8.54
CA GLY A 106 11.61 8.12 -9.98
C GLY A 106 10.26 8.02 -10.63
N LYS A 107 9.29 8.66 -9.99
CA LYS A 107 7.92 8.63 -10.46
C LYS A 107 7.62 9.68 -11.51
N PRO A 108 6.96 9.27 -12.60
CA PRO A 108 6.61 10.23 -13.66
C PRO A 108 5.79 11.34 -13.02
N LYS A 109 6.04 12.58 -13.44
CA LYS A 109 5.34 13.77 -12.93
C LYS A 109 3.86 13.59 -12.67
N SER A 110 3.10 13.14 -13.67
CA SER A 110 1.66 12.97 -13.51
C SER A 110 1.32 11.98 -12.40
N ALA A 111 2.12 10.94 -12.24
CA ALA A 111 1.90 9.94 -11.21
C ALA A 111 2.24 10.53 -9.85
N ALA A 112 3.28 11.36 -9.81
CA ALA A 112 3.68 11.98 -8.57
C ALA A 112 2.58 12.95 -8.13
N VAL A 113 2.03 13.70 -9.07
CA VAL A 113 0.98 14.64 -8.77
C VAL A 113 -0.25 13.85 -8.30
N GLY A 114 -0.51 12.73 -8.96
CA GLY A 114 -1.63 11.88 -8.59
C GLY A 114 -1.52 11.36 -7.16
N GLU A 115 -0.32 10.94 -6.75
CA GLU A 115 -0.13 10.44 -5.40
C GLU A 115 -0.34 11.53 -4.35
N VAL A 116 0.17 12.74 -4.60
CA VAL A 116 -0.01 13.82 -3.65
C VAL A 116 -1.49 14.12 -3.47
N LYS A 117 -2.21 14.16 -4.58
CA LYS A 117 -3.64 14.41 -4.52
C LYS A 117 -4.38 13.28 -3.80
N ALA A 118 -3.89 12.05 -3.92
CA ALA A 118 -4.54 10.94 -3.22
C ALA A 118 -4.34 11.17 -1.72
N ALA A 119 -3.11 11.58 -1.35
CA ALA A 119 -2.81 11.82 0.06
C ALA A 119 -3.69 12.92 0.62
N VAL A 120 -3.89 13.98 -0.16
CA VAL A 120 -4.71 15.09 0.24
C VAL A 120 -6.17 14.66 0.43
N ASP A 121 -6.71 13.94 -0.56
CA ASP A 121 -8.08 13.46 -0.48
C ASP A 121 -8.27 12.49 0.69
N ARG A 122 -7.31 11.61 0.89
CA ARG A 122 -7.43 10.64 1.96
C ARG A 122 -7.62 11.37 3.28
N LEU A 123 -6.86 12.44 3.46
CA LEU A 123 -6.91 13.23 4.68
C LEU A 123 -8.24 13.93 4.84
N ARG A 124 -8.73 14.53 3.76
CA ARG A 124 -10.00 15.25 3.78
C ARG A 124 -11.24 14.41 3.93
N LEU A 125 -11.15 13.13 3.59
CA LEU A 125 -12.31 12.26 3.67
C LEU A 125 -12.33 11.42 4.94
N ALA A 126 -11.56 11.84 5.94
CA ALA A 126 -11.48 11.11 7.20
C ALA A 126 -12.85 11.00 7.86
N GLU A 127 -13.76 11.90 7.52
CA GLU A 127 -15.09 11.83 8.12
C GLU A 127 -15.85 10.60 7.60
N LEU A 128 -15.48 10.11 6.42
CA LEU A 128 -16.13 8.93 5.85
C LEU A 128 -15.74 7.67 6.63
N ASP A 129 -14.60 7.71 7.29
CA ASP A 129 -14.13 6.58 8.09
C ASP A 129 -15.06 6.29 9.27
N LEU A 130 -15.90 7.26 9.61
CA LEU A 130 -16.82 7.12 10.73
C LEU A 130 -18.01 6.21 10.43
N LYS A 131 -18.17 5.81 9.18
CA LYS A 131 -19.29 4.95 8.82
C LYS A 131 -19.15 3.62 9.57
N LYS A 132 -17.96 3.32 10.07
CA LYS A 132 -17.75 2.07 10.80
C LYS A 132 -17.28 2.29 12.26
N ILE A 133 -17.56 3.47 12.83
CA ILE A 133 -17.11 3.74 14.19
C ILE A 133 -18.12 3.42 15.31
N GLY A 134 -19.41 3.46 14.98
CA GLY A 134 -20.43 3.17 15.98
C GLY A 134 -20.39 1.77 16.58
N GLY A 135 -20.85 1.66 17.82
CA GLY A 135 -20.85 0.38 18.50
C GLY A 135 -22.21 -0.28 18.47
N ASP A 136 -22.33 -1.41 19.15
CA ASP A 136 -23.59 -2.16 19.13
C ASP A 136 -24.26 -2.29 20.50
N TYR A 137 -25.58 -2.25 20.51
CA TYR A 137 -26.33 -2.44 21.74
C TYR A 137 -27.01 -3.81 21.56
N ILE A 138 -26.68 -4.75 22.44
CA ILE A 138 -27.20 -6.12 22.35
C ILE A 138 -28.22 -6.44 23.47
N PRO A 139 -29.51 -6.54 23.13
CA PRO A 139 -30.54 -6.87 24.15
C PRO A 139 -30.30 -8.31 24.65
N GLY A 140 -30.59 -8.58 25.92
CA GLY A 140 -30.31 -9.91 26.44
C GLY A 140 -31.40 -10.96 26.53
N ASP A 141 -32.62 -10.66 26.09
CA ASP A 141 -33.70 -11.63 26.23
C ASP A 141 -33.85 -12.70 25.15
N TRP A 142 -32.78 -12.98 24.39
CA TRP A 142 -32.85 -13.97 23.32
C TRP A 142 -32.27 -15.30 23.74
N THR A 143 -31.96 -15.39 25.02
CA THR A 143 -31.42 -16.59 25.63
C THR A 143 -31.86 -16.54 27.09
N TYR A 144 -32.14 -17.71 27.68
CA TYR A 144 -32.56 -17.71 29.06
C TYR A 144 -31.47 -17.30 30.02
N ASP A 145 -30.23 -17.70 29.75
CA ASP A 145 -29.13 -17.34 30.64
C ASP A 145 -28.79 -15.86 30.65
N THR A 146 -29.19 -15.11 29.62
CA THR A 146 -28.86 -13.69 29.57
C THR A 146 -30.06 -12.79 29.86
N LEU A 147 -31.16 -13.40 30.28
CA LEU A 147 -32.38 -12.65 30.60
C LEU A 147 -32.10 -11.58 31.67
N GLU A 148 -32.69 -10.40 31.52
CA GLU A 148 -32.51 -9.26 32.44
C GLU A 148 -31.06 -8.75 32.43
N THR A 149 -30.36 -9.10 31.37
CA THR A 149 -28.98 -8.71 31.14
C THR A 149 -28.96 -7.90 29.83
N GLU A 150 -27.84 -7.22 29.54
CA GLU A 150 -27.79 -6.33 28.38
C GLU A 150 -26.33 -6.04 28.01
N GLY A 151 -26.04 -5.84 26.73
CA GLY A 151 -24.67 -5.57 26.32
C GLY A 151 -24.45 -4.36 25.40
N LEU A 152 -23.30 -3.74 25.57
CA LEU A 152 -22.87 -2.61 24.77
C LEU A 152 -21.49 -3.02 24.28
N VAL A 153 -21.25 -2.88 22.98
CA VAL A 153 -19.96 -3.22 22.39
C VAL A 153 -19.47 -1.96 21.64
N ARG A 154 -18.36 -1.39 22.09
CA ARG A 154 -17.86 -0.18 21.44
C ARG A 154 -16.41 -0.35 21.06
N ARG A 155 -15.93 0.46 20.11
CA ARG A 155 -14.53 0.33 19.72
C ARG A 155 -13.65 1.28 20.50
N GLU A 156 -12.40 0.87 20.69
CA GLU A 156 -11.42 1.68 21.39
C GLU A 156 -10.12 1.60 20.62
N PRO A 157 -9.32 2.68 20.67
CA PRO A 157 -8.06 2.59 19.95
C PRO A 157 -7.21 1.59 20.69
N LEU A 158 -6.31 0.94 19.97
CA LEU A 158 -5.40 -0.03 20.54
C LEU A 158 -4.26 0.64 21.32
N GLY A 159 -3.84 1.82 20.86
CA GLY A 159 -2.75 2.52 21.54
C GLY A 159 -1.72 3.03 20.55
N VAL A 160 -0.61 2.32 20.44
CA VAL A 160 0.45 2.67 19.52
C VAL A 160 0.47 1.75 18.30
N VAL A 161 0.25 2.33 17.12
CA VAL A 161 0.26 1.57 15.87
C VAL A 161 1.58 1.82 15.14
N ALA A 162 2.24 0.75 14.72
CA ALA A 162 3.48 0.91 13.98
C ALA A 162 3.07 0.83 12.51
N ALA A 163 3.33 1.89 11.75
CA ALA A 163 2.98 1.90 10.33
C ALA A 163 4.29 1.70 9.58
N ILE A 164 4.41 0.58 8.87
CA ILE A 164 5.62 0.27 8.11
C ILE A 164 5.24 0.37 6.65
N THR A 165 5.96 1.19 5.92
CA THR A 165 5.61 1.45 4.54
C THR A 165 6.63 1.05 3.47
N PRO A 166 6.15 0.77 2.26
CA PRO A 166 7.00 0.36 1.14
C PRO A 166 7.55 1.56 0.35
N PHE A 167 8.35 1.28 -0.66
CA PHE A 167 8.95 2.36 -1.45
C PHE A 167 8.07 2.89 -2.56
N ASN A 168 7.23 2.05 -3.15
CA ASN A 168 6.43 2.48 -4.30
C ASN A 168 5.31 3.52 -4.11
N TYR A 169 4.90 3.75 -2.87
CA TYR A 169 3.88 4.77 -2.57
C TYR A 169 4.37 5.38 -1.26
N PRO A 170 5.58 5.97 -1.27
CA PRO A 170 6.21 6.59 -0.10
C PRO A 170 5.40 7.68 0.59
N LEU A 171 4.55 8.37 -0.15
CA LEU A 171 3.74 9.40 0.47
C LEU A 171 2.35 8.90 0.89
N PHE A 172 1.60 8.34 -0.05
CA PHE A 172 0.26 7.89 0.26
C PHE A 172 0.15 6.85 1.38
N ASP A 173 0.96 5.80 1.33
CA ASP A 173 0.88 4.76 2.34
C ASP A 173 1.10 5.30 3.73
N ALA A 174 2.04 6.24 3.89
CA ALA A 174 2.28 6.78 5.22
C ALA A 174 1.10 7.62 5.68
N VAL A 175 0.56 8.43 4.79
CA VAL A 175 -0.56 9.31 5.13
C VAL A 175 -1.85 8.50 5.39
N ASN A 176 -2.03 7.44 4.61
CA ASN A 176 -3.20 6.56 4.75
C ASN A 176 -3.22 5.89 6.12
N LYS A 177 -2.12 5.22 6.46
CA LYS A 177 -2.01 4.52 7.73
C LYS A 177 -2.09 5.47 8.90
N ILE A 178 -1.50 6.67 8.75
CA ILE A 178 -1.55 7.65 9.82
C ILE A 178 -2.97 8.12 10.02
N THR A 179 -3.65 8.37 8.92
CA THR A 179 -5.01 8.85 8.98
C THR A 179 -5.94 7.87 9.68
N TYR A 180 -6.01 6.62 9.20
CA TYR A 180 -6.92 5.70 9.84
C TYR A 180 -6.49 5.32 11.23
N SER A 181 -5.19 5.33 11.50
CA SER A 181 -4.74 5.02 12.85
C SER A 181 -5.13 6.15 13.79
N PHE A 182 -4.95 7.39 13.35
CA PHE A 182 -5.22 8.56 14.19
C PHE A 182 -6.70 8.90 14.38
N ILE A 183 -7.49 8.78 13.31
CA ILE A 183 -8.89 9.12 13.43
C ILE A 183 -9.61 8.35 14.58
N TYR A 184 -9.19 7.13 14.87
CA TYR A 184 -9.82 6.34 15.94
C TYR A 184 -9.17 6.53 17.32
N GLY A 185 -8.15 7.40 17.38
CA GLY A 185 -7.52 7.69 18.67
C GLY A 185 -6.18 7.07 19.01
N ASN A 186 -5.47 6.54 18.03
CA ASN A 186 -4.15 5.92 18.26
C ASN A 186 -2.98 6.88 18.04
N ALA A 187 -1.84 6.53 18.64
CA ALA A 187 -0.57 7.24 18.49
C ALA A 187 0.05 6.40 17.37
N VAL A 188 1.03 6.94 16.64
CA VAL A 188 1.63 6.21 15.50
C VAL A 188 3.13 6.35 15.34
N VAL A 189 3.79 5.24 15.06
CA VAL A 189 5.23 5.23 14.81
C VAL A 189 5.30 4.91 13.34
N VAL A 190 5.87 5.79 12.53
CA VAL A 190 5.98 5.54 11.10
C VAL A 190 7.40 5.09 10.80
N LYS A 191 7.53 4.03 10.01
CA LYS A 191 8.83 3.51 9.64
C LYS A 191 8.78 3.36 8.13
N PRO A 192 9.24 4.38 7.39
CA PRO A 192 9.25 4.38 5.93
C PRO A 192 10.42 3.61 5.33
N SER A 193 10.31 3.28 4.06
CA SER A 193 11.41 2.60 3.38
C SER A 193 12.62 3.52 3.45
N ILE A 194 13.77 2.99 3.86
CA ILE A 194 14.97 3.81 3.97
C ILE A 194 15.41 4.23 2.56
N SER A 195 14.73 3.67 1.56
CA SER A 195 15.01 3.95 0.17
C SER A 195 14.51 5.33 -0.29
N ASP A 196 13.31 5.72 0.16
CA ASP A 196 12.73 7.01 -0.19
C ASP A 196 11.88 7.54 0.95
N PRO A 197 12.51 7.85 2.09
CA PRO A 197 11.87 8.36 3.31
C PRO A 197 11.55 9.83 3.36
N LEU A 198 11.96 10.57 2.33
CA LEU A 198 11.74 12.02 2.31
C LEU A 198 10.27 12.46 2.30
N PRO A 199 9.42 11.83 1.47
CA PRO A 199 8.01 12.23 1.44
C PRO A 199 7.30 12.07 2.81
N ALA A 200 7.66 11.03 3.55
CA ALA A 200 7.06 10.79 4.86
C ALA A 200 7.44 11.90 5.82
N ALA A 201 8.72 12.29 5.77
CA ALA A 201 9.21 13.37 6.62
C ALA A 201 8.38 14.63 6.30
N MET A 202 8.14 14.88 5.02
CA MET A 202 7.36 16.05 4.63
C MET A 202 5.90 15.95 5.11
N ALA A 203 5.33 14.76 5.01
CA ALA A 203 3.94 14.57 5.45
C ALA A 203 3.82 14.73 6.96
N VAL A 204 4.73 14.09 7.71
CA VAL A 204 4.70 14.20 9.16
C VAL A 204 4.81 15.66 9.63
N LYS A 205 5.66 16.44 8.96
CA LYS A 205 5.84 17.85 9.31
C LYS A 205 4.52 18.59 9.06
N ALA A 206 3.90 18.34 7.91
CA ALA A 206 2.64 18.99 7.63
C ALA A 206 1.60 18.66 8.72
N LEU A 207 1.62 17.42 9.21
CA LEU A 207 0.68 16.98 10.25
C LEU A 207 1.00 17.71 11.57
N LEU A 208 2.28 17.77 11.91
CA LEU A 208 2.70 18.47 13.12
C LEU A 208 2.30 19.95 13.03
N ASP A 209 2.55 20.57 11.88
CA ASP A 209 2.17 21.98 11.70
C ASP A 209 0.67 22.13 11.83
N ALA A 210 -0.06 21.08 11.44
CA ALA A 210 -1.52 21.14 11.48
C ALA A 210 -2.10 20.92 12.88
N GLY A 211 -1.26 20.55 13.85
CA GLY A 211 -1.75 20.35 15.19
C GLY A 211 -1.72 18.92 15.72
N PHE A 212 -1.25 17.97 14.92
CA PHE A 212 -1.17 16.60 15.36
C PHE A 212 -0.42 16.60 16.68
N PRO A 213 -1.02 16.02 17.75
CA PRO A 213 -0.33 15.97 19.04
C PRO A 213 1.13 15.58 18.82
N PRO A 214 2.07 16.45 19.21
CA PRO A 214 3.52 16.22 19.04
C PRO A 214 4.12 14.99 19.69
N ASP A 215 3.53 14.53 20.79
CA ASP A 215 4.05 13.33 21.44
C ASP A 215 3.31 12.07 21.00
N ALA A 216 2.38 12.20 20.05
CA ALA A 216 1.57 11.06 19.56
C ALA A 216 2.01 10.52 18.19
N ILE A 217 3.08 11.06 17.62
CA ILE A 217 3.58 10.58 16.34
C ILE A 217 5.10 10.54 16.33
N ALA A 218 5.64 9.62 15.56
CA ALA A 218 7.08 9.46 15.46
C ALA A 218 7.41 9.03 14.04
N LEU A 219 8.59 9.40 13.56
CA LEU A 219 9.03 9.05 12.23
C LEU A 219 10.46 8.58 12.40
N LEU A 220 10.68 7.28 12.29
CA LEU A 220 12.00 6.72 12.50
C LEU A 220 12.64 6.18 11.21
N ASN A 221 13.77 6.80 10.82
CA ASN A 221 14.50 6.39 9.63
C ASN A 221 15.42 5.23 9.98
N LEU A 222 14.84 4.04 10.08
CA LEU A 222 15.60 2.84 10.42
C LEU A 222 15.63 1.91 9.21
N PRO A 223 16.80 1.35 8.91
CA PRO A 223 16.86 0.45 7.76
C PRO A 223 16.37 -0.95 8.12
N GLY A 224 15.83 -1.63 7.13
CA GLY A 224 15.33 -2.99 7.30
C GLY A 224 15.13 -3.56 8.68
N LYS A 225 16.01 -4.49 9.07
CA LYS A 225 15.92 -5.17 10.36
C LYS A 225 16.09 -4.35 11.62
N GLU A 226 16.41 -3.07 11.47
CA GLU A 226 16.56 -2.20 12.63
C GLU A 226 15.16 -1.91 13.16
N ALA A 227 14.16 -2.06 12.28
CA ALA A 227 12.77 -1.82 12.62
C ALA A 227 12.15 -2.94 13.46
N GLU A 228 12.73 -4.14 13.39
CA GLU A 228 12.23 -5.29 14.14
C GLU A 228 12.07 -4.90 15.59
N LYS A 229 13.00 -4.07 16.05
CA LYS A 229 13.03 -3.54 17.42
C LYS A 229 11.69 -2.89 17.81
N ILE A 230 11.07 -2.20 16.87
CA ILE A 230 9.79 -1.54 17.10
C ILE A 230 8.63 -2.56 17.11
N VAL A 231 8.61 -3.37 16.05
CA VAL A 231 7.61 -4.40 15.87
C VAL A 231 7.50 -5.36 17.07
N ALA A 232 8.64 -5.76 17.61
CA ALA A 232 8.70 -6.71 18.71
C ALA A 232 8.36 -6.16 20.08
N ASP A 233 8.23 -4.84 20.17
CA ASP A 233 7.95 -4.20 21.46
C ASP A 233 6.50 -4.27 21.94
N ASP A 234 6.31 -4.64 23.20
CA ASP A 234 4.99 -4.75 23.80
C ASP A 234 4.18 -3.45 23.82
N ARG A 235 4.85 -2.30 23.70
CA ARG A 235 4.11 -1.03 23.70
C ARG A 235 3.46 -0.79 22.36
N VAL A 236 3.83 -1.60 21.37
CA VAL A 236 3.25 -1.50 20.03
C VAL A 236 2.10 -2.52 19.96
N ALA A 237 0.88 -2.02 19.99
CA ALA A 237 -0.32 -2.86 19.98
C ALA A 237 -0.77 -3.33 18.61
N ALA A 238 -0.28 -2.69 17.55
CA ALA A 238 -0.68 -3.09 16.20
C ALA A 238 0.39 -2.75 15.22
N VAL A 239 0.43 -3.52 14.14
CA VAL A 239 1.39 -3.31 13.08
C VAL A 239 0.66 -3.34 11.74
N SER A 240 0.69 -2.20 11.05
CA SER A 240 0.09 -2.03 9.73
C SER A 240 1.30 -2.06 8.77
N PHE A 241 1.40 -3.12 8.00
CA PHE A 241 2.51 -3.33 7.12
C PHE A 241 2.11 -3.54 5.68
N THR A 242 2.77 -2.80 4.79
CA THR A 242 2.56 -2.92 3.36
C THR A 242 3.97 -3.15 2.83
N GLY A 243 4.15 -4.27 2.12
CA GLY A 243 5.45 -4.63 1.61
C GLY A 243 5.45 -6.03 1.02
N SER A 244 6.60 -6.67 0.98
CA SER A 244 6.71 -8.00 0.41
C SER A 244 6.34 -9.12 1.39
N THR A 245 5.89 -10.21 0.80
CA THR A 245 5.47 -11.40 1.54
C THR A 245 6.52 -11.84 2.55
N GLU A 246 7.76 -11.94 2.09
CA GLU A 246 8.86 -12.39 2.91
C GLU A 246 9.10 -11.49 4.12
N VAL A 247 9.08 -10.18 3.93
CA VAL A 247 9.30 -9.29 5.07
C VAL A 247 8.09 -9.36 6.01
N GLY A 248 6.90 -9.41 5.44
CA GLY A 248 5.69 -9.51 6.25
C GLY A 248 5.78 -10.69 7.23
N GLU A 249 6.23 -11.83 6.71
CA GLU A 249 6.38 -13.05 7.51
C GLU A 249 7.33 -12.82 8.67
N ARG A 250 8.46 -12.18 8.39
CA ARG A 250 9.45 -11.87 9.40
C ARG A 250 8.86 -10.95 10.46
N VAL A 251 8.08 -9.97 10.02
CA VAL A 251 7.48 -9.02 10.94
C VAL A 251 6.57 -9.71 11.96
N VAL A 252 5.68 -10.59 11.50
CA VAL A 252 4.80 -11.29 12.43
C VAL A 252 5.58 -12.20 13.37
N LYS A 253 6.61 -12.86 12.83
CA LYS A 253 7.40 -13.76 13.66
C LYS A 253 8.20 -13.04 14.73
N VAL A 254 8.45 -11.75 14.49
CA VAL A 254 9.18 -10.93 15.45
C VAL A 254 8.16 -10.31 16.41
N GLY A 255 7.03 -9.88 15.86
CA GLY A 255 6.01 -9.25 16.67
C GLY A 255 5.28 -10.16 17.62
N GLY A 256 4.93 -11.37 17.17
CA GLY A 256 4.19 -12.25 18.05
C GLY A 256 2.74 -11.78 18.07
N VAL A 257 2.03 -12.03 19.17
CA VAL A 257 0.62 -11.65 19.29
C VAL A 257 0.41 -10.12 19.32
N LYS A 258 -0.36 -9.61 18.36
CA LYS A 258 -0.70 -8.19 18.19
C LYS A 258 -1.73 -8.17 17.08
N GLN A 259 -2.30 -7.00 16.78
CA GLN A 259 -3.25 -6.89 15.68
C GLN A 259 -2.43 -6.51 14.44
N TYR A 260 -2.65 -7.19 13.33
CA TYR A 260 -1.92 -6.93 12.10
C TYR A 260 -2.78 -6.69 10.89
N VAL A 261 -2.28 -5.88 9.95
CA VAL A 261 -2.93 -5.73 8.65
C VAL A 261 -1.69 -6.00 7.82
N MET A 262 -1.74 -6.99 6.94
CA MET A 262 -0.59 -7.31 6.10
C MET A 262 -1.01 -7.24 4.64
N GLU A 263 -0.55 -6.20 3.95
CA GLU A 263 -0.84 -5.99 2.54
C GLU A 263 0.47 -6.43 1.89
N LEU A 264 0.51 -7.67 1.42
CA LEU A 264 1.74 -8.24 0.87
C LEU A 264 1.88 -8.33 -0.63
N GLY A 265 1.06 -7.58 -1.36
CA GLY A 265 1.16 -7.55 -2.81
C GLY A 265 1.25 -8.83 -3.64
N GLY A 266 2.15 -8.81 -4.62
CA GLY A 266 2.30 -9.91 -5.56
C GLY A 266 1.63 -9.27 -6.77
N GLY A 267 1.57 -9.88 -7.92
CA GLY A 267 0.88 -9.11 -8.94
C GLY A 267 -0.57 -9.54 -9.07
N ASP A 268 -1.23 -9.08 -10.13
CA ASP A 268 -2.61 -9.45 -10.38
C ASP A 268 -2.76 -10.00 -11.78
N PRO A 269 -3.66 -10.97 -11.96
CA PRO A 269 -3.94 -11.56 -13.26
C PRO A 269 -5.14 -10.82 -13.82
N ALA A 270 -5.24 -10.73 -15.15
CA ALA A 270 -6.38 -10.07 -15.78
C ALA A 270 -6.96 -11.07 -16.79
N ILE A 271 -8.27 -11.23 -16.75
CA ILE A 271 -8.94 -12.17 -17.64
C ILE A 271 -9.80 -11.41 -18.63
N VAL A 272 -9.71 -11.80 -19.90
CA VAL A 272 -10.52 -11.17 -20.94
C VAL A 272 -11.44 -12.20 -21.60
N LEU A 273 -12.73 -12.03 -21.39
CA LEU A 273 -13.71 -12.93 -21.96
C LEU A 273 -14.00 -12.55 -23.41
N GLU A 274 -14.46 -13.53 -24.17
CA GLU A 274 -14.76 -13.33 -25.57
C GLU A 274 -15.73 -12.19 -25.88
N ASP A 275 -16.54 -11.79 -24.92
CA ASP A 275 -17.50 -10.72 -25.18
C ASP A 275 -17.04 -9.35 -24.68
N ALA A 276 -15.78 -9.27 -24.26
CA ALA A 276 -15.21 -8.03 -23.75
C ALA A 276 -15.01 -6.93 -24.78
N ASP A 277 -15.07 -5.68 -24.32
CA ASP A 277 -14.81 -4.55 -25.19
C ASP A 277 -13.29 -4.60 -25.23
N LEU A 278 -12.71 -5.05 -26.35
CA LEU A 278 -11.26 -5.17 -26.44
C LEU A 278 -10.50 -3.81 -26.45
N ASP A 279 -11.17 -2.73 -26.81
CA ASP A 279 -10.51 -1.43 -26.79
C ASP A 279 -10.29 -1.02 -25.34
N LEU A 280 -11.35 -1.12 -24.54
CA LEU A 280 -11.25 -0.80 -23.12
C LEU A 280 -10.23 -1.73 -22.49
N ALA A 281 -10.37 -3.03 -22.73
CA ALA A 281 -9.47 -4.02 -22.15
C ALA A 281 -8.00 -3.77 -22.47
N ALA A 282 -7.70 -3.58 -23.75
CA ALA A 282 -6.31 -3.36 -24.17
C ALA A 282 -5.73 -2.11 -23.49
N ASP A 283 -6.50 -1.04 -23.48
CA ASP A 283 -6.09 0.21 -22.86
C ASP A 283 -5.78 0.00 -21.36
N LYS A 284 -6.77 -0.48 -20.61
CA LYS A 284 -6.62 -0.72 -19.17
C LYS A 284 -5.54 -1.74 -18.83
N ILE A 285 -5.44 -2.80 -19.62
CA ILE A 285 -4.44 -3.81 -19.35
C ILE A 285 -3.03 -3.28 -19.60
N ALA A 286 -2.84 -2.55 -20.70
CA ALA A 286 -1.53 -1.98 -21.00
C ALA A 286 -1.12 -1.07 -19.84
N ARG A 287 -2.04 -0.21 -19.41
CA ARG A 287 -1.75 0.68 -18.32
C ARG A 287 -1.46 -0.06 -17.02
N GLY A 288 -2.17 -1.15 -16.76
CA GLY A 288 -1.93 -1.90 -15.54
C GLY A 288 -0.57 -2.57 -15.56
N ILE A 289 -0.08 -2.85 -16.76
CA ILE A 289 1.22 -3.47 -16.86
C ILE A 289 2.36 -2.48 -16.62
N TYR A 290 2.30 -1.29 -17.23
CA TYR A 290 3.40 -0.33 -17.10
C TYR A 290 3.38 0.78 -16.05
N SER A 291 2.20 1.18 -15.56
CA SER A 291 2.15 2.27 -14.58
C SER A 291 3.24 2.19 -13.53
N TYR A 292 3.91 3.33 -13.35
CA TYR A 292 5.01 3.48 -12.43
C TYR A 292 6.02 2.35 -12.66
N ALA A 293 6.20 2.00 -13.94
CA ALA A 293 7.16 0.96 -14.28
C ALA A 293 6.84 -0.36 -13.57
N GLY A 294 5.56 -0.72 -13.54
CA GLY A 294 5.12 -1.94 -12.90
C GLY A 294 5.36 -2.03 -11.40
N GLN A 295 5.85 -0.95 -10.79
CA GLN A 295 6.12 -0.97 -9.36
C GLN A 295 4.87 -0.65 -8.54
N ARG A 296 3.83 -1.45 -8.79
CA ARG A 296 2.55 -1.33 -8.12
C ARG A 296 2.10 -2.75 -7.69
N CYS A 297 1.71 -2.88 -6.42
CA CYS A 297 1.25 -4.17 -5.93
C CYS A 297 0.09 -4.68 -6.77
N ASP A 298 -0.72 -3.76 -7.28
CA ASP A 298 -1.85 -4.13 -8.12
C ASP A 298 -1.56 -4.07 -9.63
N ALA A 299 -0.28 -4.19 -9.99
CA ALA A 299 0.10 -4.17 -11.41
C ALA A 299 -0.33 -5.50 -12.06
N ILE A 300 -0.71 -5.45 -13.33
CA ILE A 300 -1.10 -6.65 -14.06
C ILE A 300 0.16 -7.42 -14.46
N LYS A 301 0.24 -8.69 -14.07
CA LYS A 301 1.42 -9.51 -14.34
C LYS A 301 1.13 -10.71 -15.24
N LEU A 302 -0.14 -10.93 -15.53
CA LEU A 302 -0.55 -12.08 -16.32
C LEU A 302 -1.85 -11.73 -17.01
N VAL A 303 -1.90 -11.97 -18.31
CA VAL A 303 -3.10 -11.69 -19.07
C VAL A 303 -3.59 -13.01 -19.64
N LEU A 304 -4.87 -13.32 -19.41
CA LEU A 304 -5.45 -14.56 -19.88
C LEU A 304 -6.61 -14.16 -20.75
N ALA A 305 -6.59 -14.60 -21.99
CA ALA A 305 -7.65 -14.24 -22.93
C ALA A 305 -8.21 -15.44 -23.67
N GLU A 306 -9.53 -15.52 -23.75
CA GLU A 306 -10.19 -16.61 -24.46
C GLU A 306 -9.79 -16.57 -25.95
N ARG A 307 -9.57 -17.75 -26.52
CA ARG A 307 -9.15 -17.89 -27.92
C ARG A 307 -9.66 -16.91 -28.96
N PRO A 308 -10.98 -16.72 -29.04
CA PRO A 308 -11.51 -15.78 -30.04
C PRO A 308 -11.11 -14.30 -29.96
N VAL A 309 -10.52 -13.86 -28.85
CA VAL A 309 -10.11 -12.46 -28.75
C VAL A 309 -8.63 -12.36 -28.42
N TYR A 310 -8.00 -13.47 -28.09
CA TYR A 310 -6.59 -13.44 -27.72
C TYR A 310 -5.68 -12.72 -28.71
N GLY A 311 -5.85 -13.02 -30.00
CA GLY A 311 -5.04 -12.39 -31.04
C GLY A 311 -5.10 -10.88 -31.04
N LYS A 312 -6.30 -10.33 -31.24
CA LYS A 312 -6.50 -8.89 -31.26
C LYS A 312 -6.02 -8.26 -29.95
N LEU A 313 -6.54 -8.76 -28.83
CA LEU A 313 -6.21 -8.24 -27.52
C LEU A 313 -4.71 -8.10 -27.32
N VAL A 314 -4.00 -9.19 -27.46
CA VAL A 314 -2.56 -9.18 -27.26
C VAL A 314 -1.85 -8.28 -28.28
N GLU A 315 -2.45 -8.18 -29.46
CA GLU A 315 -1.90 -7.34 -30.52
C GLU A 315 -1.97 -5.89 -30.05
N GLU A 316 -3.17 -5.45 -29.68
CA GLU A 316 -3.41 -4.10 -29.18
C GLU A 316 -2.56 -3.71 -27.98
N VAL A 317 -2.39 -4.62 -27.02
CA VAL A 317 -1.61 -4.32 -25.83
C VAL A 317 -0.15 -4.13 -26.22
N ALA A 318 0.34 -4.97 -27.12
CA ALA A 318 1.72 -4.89 -27.58
C ALA A 318 1.98 -3.52 -28.22
N LYS A 319 1.09 -3.11 -29.13
CA LYS A 319 1.21 -1.82 -29.79
C LYS A 319 1.32 -0.72 -28.73
N ARG A 320 0.38 -0.71 -27.80
CA ARG A 320 0.36 0.30 -26.75
C ARG A 320 1.64 0.33 -25.93
N LEU A 321 2.15 -0.83 -25.53
CA LEU A 321 3.37 -0.86 -24.74
C LEU A 321 4.56 -0.36 -25.56
N SER A 322 4.57 -0.69 -26.85
CA SER A 322 5.69 -0.29 -27.71
C SER A 322 5.72 1.22 -27.96
N SER A 323 4.56 1.85 -28.01
CA SER A 323 4.50 3.29 -28.24
C SER A 323 4.84 4.13 -27.01
N LEU A 324 5.19 3.48 -25.91
CA LEU A 324 5.52 4.21 -24.69
C LEU A 324 6.89 4.88 -24.78
N ARG A 325 7.07 5.98 -24.06
CA ARG A 325 8.35 6.68 -24.04
C ARG A 325 9.03 6.54 -22.68
N VAL A 326 10.21 5.92 -22.66
CA VAL A 326 10.94 5.71 -21.43
C VAL A 326 11.99 6.80 -21.22
N GLY A 327 12.54 6.87 -20.00
CA GLY A 327 13.56 7.84 -19.68
C GLY A 327 13.16 8.90 -18.65
N ASP A 328 14.17 9.45 -17.95
CA ASP A 328 14.00 10.50 -16.93
C ASP A 328 12.57 11.05 -16.82
N PRO A 329 11.89 10.82 -15.66
CA PRO A 329 10.53 11.21 -15.29
C PRO A 329 10.14 12.70 -15.19
N ARG A 330 11.14 13.58 -15.21
CA ARG A 330 10.85 15.01 -15.14
C ARG A 330 10.08 15.50 -16.39
N ASP A 331 10.47 15.04 -17.59
CA ASP A 331 9.80 15.40 -18.85
C ASP A 331 8.32 15.05 -18.76
N PRO A 332 7.42 16.03 -18.87
CA PRO A 332 6.02 15.59 -18.77
C PRO A 332 5.70 14.74 -20.00
N THR A 333 6.73 14.48 -20.79
CA THR A 333 6.64 13.69 -22.03
C THR A 333 6.82 12.18 -21.79
N VAL A 334 7.71 11.84 -20.88
CA VAL A 334 7.98 10.45 -20.55
C VAL A 334 6.77 9.72 -19.97
N ASP A 335 6.56 8.48 -20.44
CA ASP A 335 5.47 7.65 -19.96
C ASP A 335 5.99 6.77 -18.83
N VAL A 336 7.25 6.38 -18.93
CA VAL A 336 7.84 5.48 -17.94
C VAL A 336 9.21 5.94 -17.45
N GLY A 337 9.35 6.05 -16.14
CA GLY A 337 10.61 6.46 -15.56
C GLY A 337 11.43 5.24 -15.23
N PRO A 338 12.42 5.37 -14.34
CA PRO A 338 13.27 4.24 -13.97
C PRO A 338 12.68 3.36 -12.85
N LEU A 339 13.29 2.19 -12.68
CA LEU A 339 12.92 1.27 -11.61
C LEU A 339 13.77 1.70 -10.44
N ILE A 340 13.28 1.44 -9.24
CA ILE A 340 13.96 1.86 -8.02
C ILE A 340 15.43 1.49 -7.82
N SER A 341 15.91 0.48 -8.52
CA SER A 341 17.30 0.07 -8.35
C SER A 341 17.75 -0.78 -9.52
N PRO A 342 19.08 -0.83 -9.78
CA PRO A 342 19.58 -1.64 -10.88
C PRO A 342 19.24 -3.13 -10.66
N SER A 343 19.21 -3.53 -9.40
CA SER A 343 18.86 -4.92 -9.05
C SER A 343 17.48 -5.28 -9.61
N ALA A 344 16.52 -4.39 -9.42
CA ALA A 344 15.16 -4.66 -9.89
C ALA A 344 15.15 -4.91 -11.38
N VAL A 345 16.00 -4.21 -12.11
CA VAL A 345 16.05 -4.40 -13.57
C VAL A 345 16.75 -5.72 -13.89
N ASP A 346 17.82 -6.02 -13.14
CA ASP A 346 18.53 -7.27 -13.34
C ASP A 346 17.55 -8.43 -13.25
N GLU A 347 16.76 -8.44 -12.17
CA GLU A 347 15.77 -9.48 -11.93
C GLU A 347 14.78 -9.59 -13.06
N MET A 348 14.33 -8.45 -13.58
CA MET A 348 13.38 -8.45 -14.69
C MET A 348 13.98 -9.10 -15.95
N MET A 349 15.23 -8.76 -16.25
CA MET A 349 15.89 -9.29 -17.44
C MET A 349 16.07 -10.81 -17.31
N ALA A 350 16.52 -11.26 -16.15
CA ALA A 350 16.72 -12.67 -15.88
C ALA A 350 15.36 -13.38 -16.00
N ALA A 351 14.32 -12.75 -15.46
CA ALA A 351 12.99 -13.34 -15.52
C ALA A 351 12.54 -13.47 -16.96
N ILE A 352 12.86 -12.49 -17.80
CA ILE A 352 12.46 -12.57 -19.20
C ILE A 352 13.22 -13.70 -19.90
N GLU A 353 14.50 -13.85 -19.59
CA GLU A 353 15.29 -14.90 -20.20
C GLU A 353 14.67 -16.25 -19.83
N ASP A 354 14.34 -16.42 -18.55
CA ASP A 354 13.73 -17.66 -18.07
C ASP A 354 12.47 -18.01 -18.86
N ALA A 355 11.62 -17.03 -19.09
CA ALA A 355 10.39 -17.26 -19.83
C ALA A 355 10.71 -17.71 -21.25
N VAL A 356 11.71 -17.06 -21.85
CA VAL A 356 12.12 -17.37 -23.21
C VAL A 356 12.68 -18.79 -23.31
N GLU A 357 13.57 -19.14 -22.38
CA GLU A 357 14.17 -20.47 -22.34
C GLU A 357 13.10 -21.55 -22.14
N LYS A 358 11.95 -21.16 -21.60
CA LYS A 358 10.88 -22.13 -21.37
C LYS A 358 9.76 -22.07 -22.39
N GLY A 359 10.04 -21.50 -23.56
CA GLY A 359 9.04 -21.44 -24.60
C GLY A 359 8.33 -20.13 -24.76
N GLY A 360 8.73 -19.12 -23.99
CA GLY A 360 8.09 -17.83 -24.08
C GLY A 360 8.62 -16.98 -25.22
N ARG A 361 7.77 -16.09 -25.73
CA ARG A 361 8.15 -15.19 -26.81
C ARG A 361 7.80 -13.74 -26.47
N VAL A 362 8.79 -12.86 -26.56
CA VAL A 362 8.59 -11.43 -26.27
C VAL A 362 7.74 -10.79 -27.36
N LEU A 363 6.65 -10.14 -26.97
CA LEU A 363 5.76 -9.50 -27.93
C LEU A 363 5.98 -7.99 -27.96
N ALA A 364 6.62 -7.46 -26.93
CA ALA A 364 6.89 -6.03 -26.85
C ALA A 364 7.96 -5.81 -25.81
N GLY A 365 8.80 -4.79 -26.04
CA GLY A 365 9.86 -4.47 -25.10
C GLY A 365 10.99 -5.49 -25.05
N GLY A 366 11.56 -5.67 -23.86
CA GLY A 366 12.64 -6.64 -23.71
C GLY A 366 14.01 -6.02 -23.63
N ARG A 367 14.12 -4.77 -24.10
CA ARG A 367 15.40 -4.10 -24.09
C ARG A 367 15.68 -3.27 -22.87
N ARG A 368 16.81 -3.55 -22.23
CA ARG A 368 17.25 -2.78 -21.07
C ARG A 368 17.84 -1.50 -21.67
N LEU A 369 17.53 -0.34 -21.09
CA LEU A 369 18.02 0.92 -21.61
C LEU A 369 19.05 1.59 -20.72
N GLY A 370 19.37 0.97 -19.59
CA GLY A 370 20.34 1.53 -18.67
C GLY A 370 20.29 0.79 -17.35
N PRO A 371 21.09 1.19 -16.36
CA PRO A 371 21.09 0.52 -15.05
C PRO A 371 19.69 0.44 -14.42
N THR A 372 18.95 1.53 -14.49
CA THR A 372 17.62 1.55 -13.91
C THR A 372 16.52 1.79 -14.93
N TYR A 373 16.82 1.63 -16.21
CA TYR A 373 15.79 1.83 -17.24
C TYR A 373 15.57 0.59 -18.08
N VAL A 374 14.31 0.31 -18.42
CA VAL A 374 13.94 -0.85 -19.22
C VAL A 374 12.64 -0.56 -19.93
N GLN A 375 12.36 -1.28 -21.01
CA GLN A 375 11.12 -1.08 -21.72
C GLN A 375 10.02 -1.99 -21.15
N PRO A 376 8.78 -1.48 -21.10
CA PRO A 376 7.70 -2.32 -20.58
C PRO A 376 7.64 -3.56 -21.49
N THR A 377 7.70 -4.74 -20.90
CA THR A 377 7.72 -5.98 -21.68
C THR A 377 6.48 -6.87 -21.54
N PHE A 378 6.07 -7.46 -22.66
CA PHE A 378 4.91 -8.34 -22.71
C PHE A 378 5.37 -9.68 -23.31
N VAL A 379 5.40 -10.72 -22.48
CA VAL A 379 5.86 -12.04 -22.91
C VAL A 379 4.76 -13.08 -23.10
N GLU A 380 4.64 -13.57 -24.34
CA GLU A 380 3.64 -14.59 -24.65
C GLU A 380 4.16 -15.92 -24.15
N ALA A 381 3.26 -16.76 -23.65
CA ALA A 381 3.66 -18.09 -23.15
C ALA A 381 2.54 -19.10 -23.34
N PRO A 382 2.90 -20.34 -23.73
CA PRO A 382 1.85 -21.36 -23.92
C PRO A 382 1.39 -21.85 -22.55
N ALA A 383 0.08 -22.02 -22.41
CA ALA A 383 -0.50 -22.47 -21.14
C ALA A 383 0.20 -23.67 -20.50
N ASP A 384 0.68 -24.60 -21.33
CA ASP A 384 1.33 -25.80 -20.83
C ASP A 384 2.73 -25.59 -20.27
N ARG A 385 3.25 -24.37 -20.35
CA ARG A 385 4.58 -24.13 -19.81
C ARG A 385 4.72 -22.92 -18.90
N VAL A 386 3.73 -22.03 -18.97
CA VAL A 386 3.76 -20.80 -18.18
C VAL A 386 3.93 -21.02 -16.70
N LYS A 387 3.24 -22.02 -16.15
CA LYS A 387 3.29 -22.29 -14.71
C LYS A 387 4.67 -22.47 -14.11
N ASP A 388 5.65 -22.90 -14.90
CA ASP A 388 6.98 -23.09 -14.35
C ASP A 388 7.89 -21.86 -14.53
N MET A 389 7.38 -20.83 -15.20
CA MET A 389 8.17 -19.62 -15.42
C MET A 389 8.25 -18.72 -14.19
N VAL A 390 9.41 -18.11 -14.00
CA VAL A 390 9.63 -17.21 -12.88
C VAL A 390 8.61 -16.06 -12.88
N LEU A 391 8.27 -15.56 -14.06
CA LEU A 391 7.32 -14.47 -14.19
C LEU A 391 5.93 -14.86 -13.70
N TYR A 392 5.66 -16.16 -13.64
CA TYR A 392 4.37 -16.66 -13.17
C TYR A 392 4.45 -16.97 -11.69
N LYS A 393 5.43 -17.79 -11.32
CA LYS A 393 5.61 -18.23 -9.95
C LYS A 393 5.99 -17.14 -8.98
N ARG A 394 6.54 -16.05 -9.50
CA ARG A 394 6.96 -14.96 -8.66
C ARG A 394 6.43 -13.61 -9.08
N GLU A 395 6.64 -12.64 -8.20
CA GLU A 395 6.25 -11.28 -8.51
C GLU A 395 7.56 -10.60 -8.93
N VAL A 396 7.67 -10.21 -10.20
CA VAL A 396 8.88 -9.52 -10.66
C VAL A 396 8.45 -8.06 -10.68
N PHE A 397 8.86 -7.32 -9.65
CA PHE A 397 8.46 -5.92 -9.50
C PHE A 397 9.09 -5.05 -10.58
N ALA A 398 8.41 -5.00 -11.72
CA ALA A 398 8.90 -4.31 -12.88
C ALA A 398 7.78 -4.28 -13.89
N PRO A 399 7.95 -3.52 -14.99
CA PRO A 399 6.89 -3.45 -16.01
C PRO A 399 6.95 -4.66 -16.96
N VAL A 400 6.49 -5.80 -16.47
CA VAL A 400 6.51 -7.02 -17.26
C VAL A 400 5.33 -7.93 -16.93
N ALA A 401 4.65 -8.42 -17.96
CA ALA A 401 3.52 -9.32 -17.79
C ALA A 401 3.56 -10.46 -18.83
N LEU A 402 2.95 -11.58 -18.49
CA LEU A 402 2.87 -12.73 -19.40
C LEU A 402 1.52 -12.68 -20.09
N ALA A 403 1.44 -13.24 -21.28
CA ALA A 403 0.19 -13.30 -22.02
C ALA A 403 -0.05 -14.79 -22.30
N VAL A 404 -1.24 -15.28 -21.95
CA VAL A 404 -1.55 -16.70 -22.15
C VAL A 404 -2.93 -16.89 -22.75
N GLU A 405 -2.98 -17.63 -23.84
CA GLU A 405 -4.24 -17.91 -24.52
C GLU A 405 -4.91 -19.07 -23.78
N VAL A 406 -6.23 -18.99 -23.56
CA VAL A 406 -6.92 -20.06 -22.84
C VAL A 406 -8.16 -20.50 -23.60
N LYS A 407 -8.54 -21.76 -23.39
CA LYS A 407 -9.70 -22.36 -24.04
C LYS A 407 -10.99 -21.72 -23.58
N ASP A 408 -11.15 -21.60 -22.26
CA ASP A 408 -12.36 -21.02 -21.69
C ASP A 408 -12.18 -20.42 -20.31
N LEU A 409 -13.27 -19.94 -19.73
CA LEU A 409 -13.23 -19.32 -18.41
C LEU A 409 -12.61 -20.22 -17.34
N ASP A 410 -13.00 -21.50 -17.28
CA ASP A 410 -12.42 -22.39 -16.26
C ASP A 410 -10.91 -22.46 -16.32
N GLN A 411 -10.35 -22.47 -17.52
CA GLN A 411 -8.90 -22.53 -17.63
C GLN A 411 -8.31 -21.16 -17.21
N ALA A 412 -9.00 -20.08 -17.57
CA ALA A 412 -8.55 -18.74 -17.20
C ALA A 412 -8.47 -18.66 -15.68
N ILE A 413 -9.58 -19.00 -15.03
CA ILE A 413 -9.66 -19.00 -13.57
C ILE A 413 -8.59 -19.89 -12.95
N GLU A 414 -8.42 -21.07 -13.51
CA GLU A 414 -7.42 -22.01 -13.01
C GLU A 414 -6.01 -21.41 -13.07
N LEU A 415 -5.65 -20.86 -14.22
CA LEU A 415 -4.34 -20.24 -14.34
C LEU A 415 -4.21 -19.00 -13.43
N ALA A 416 -5.26 -18.17 -13.39
CA ALA A 416 -5.22 -16.99 -12.52
C ALA A 416 -4.95 -17.42 -11.07
N ASN A 417 -5.64 -18.47 -10.60
CA ASN A 417 -5.45 -18.93 -9.23
C ASN A 417 -4.18 -19.73 -9.02
N GLY A 418 -3.46 -20.02 -10.09
CA GLY A 418 -2.24 -20.82 -9.96
C GLY A 418 -1.02 -20.15 -9.35
N ARG A 419 -1.02 -18.82 -9.31
CA ARG A 419 0.12 -18.11 -8.72
C ARG A 419 -0.05 -18.22 -7.20
N PRO A 420 1.03 -17.99 -6.44
CA PRO A 420 0.90 -18.09 -4.97
C PRO A 420 0.24 -16.88 -4.33
N TYR A 421 -0.08 -15.86 -5.14
CA TYR A 421 -0.68 -14.63 -4.64
C TYR A 421 -2.18 -14.56 -4.83
N GLY A 422 -2.79 -13.59 -4.17
CA GLY A 422 -4.22 -13.41 -4.29
C GLY A 422 -4.63 -12.03 -3.83
N LEU A 423 -4.02 -11.00 -4.42
CA LEU A 423 -4.32 -9.63 -4.07
C LEU A 423 -5.58 -9.17 -4.81
N ASP A 424 -5.46 -8.86 -6.10
CA ASP A 424 -6.65 -8.49 -6.89
C ASP A 424 -6.59 -9.30 -8.18
N ALA A 425 -7.63 -9.18 -8.99
CA ALA A 425 -7.71 -9.80 -10.29
C ALA A 425 -8.64 -8.90 -11.08
N ALA A 426 -8.50 -8.91 -12.40
CA ALA A 426 -9.37 -8.10 -13.24
C ALA A 426 -10.12 -9.02 -14.22
N VAL A 427 -11.38 -8.68 -14.50
CA VAL A 427 -12.15 -9.45 -15.45
C VAL A 427 -12.85 -8.50 -16.42
N PHE A 428 -12.56 -8.64 -17.71
CA PHE A 428 -13.21 -7.83 -18.73
C PHE A 428 -14.16 -8.74 -19.50
N GLY A 429 -15.42 -8.36 -19.57
CA GLY A 429 -16.41 -9.16 -20.24
C GLY A 429 -17.76 -8.57 -19.90
N ARG A 430 -18.83 -9.14 -20.43
CA ARG A 430 -20.16 -8.60 -20.15
C ARG A 430 -21.22 -9.57 -19.62
N ASP A 431 -21.03 -10.88 -19.85
CA ASP A 431 -22.01 -11.88 -19.40
C ASP A 431 -22.04 -12.04 -17.86
N VAL A 432 -23.18 -11.69 -17.25
CA VAL A 432 -23.32 -11.78 -15.79
C VAL A 432 -22.98 -13.12 -15.16
N VAL A 433 -23.34 -14.22 -15.83
CA VAL A 433 -23.08 -15.54 -15.30
C VAL A 433 -21.59 -15.87 -15.28
N LYS A 434 -20.90 -15.60 -16.38
CA LYS A 434 -19.47 -15.90 -16.40
C LYS A 434 -18.78 -14.98 -15.39
N ILE A 435 -19.24 -13.74 -15.31
CA ILE A 435 -18.63 -12.81 -14.36
C ILE A 435 -18.88 -13.29 -12.94
N ARG A 436 -20.12 -13.65 -12.62
CA ARG A 436 -20.40 -14.11 -11.27
C ARG A 436 -19.57 -15.34 -10.90
N ARG A 437 -19.37 -16.24 -11.87
CA ARG A 437 -18.58 -17.44 -11.63
C ARG A 437 -17.14 -17.07 -11.31
N ALA A 438 -16.56 -16.18 -12.11
CA ALA A 438 -15.16 -15.76 -11.89
C ALA A 438 -15.05 -15.09 -10.53
N VAL A 439 -16.04 -14.29 -10.18
CA VAL A 439 -16.02 -13.60 -8.91
C VAL A 439 -16.01 -14.59 -7.76
N ARG A 440 -16.81 -15.64 -7.87
CA ARG A 440 -16.85 -16.63 -6.79
C ARG A 440 -15.57 -17.44 -6.67
N LEU A 441 -14.99 -17.82 -7.81
CA LEU A 441 -13.81 -18.68 -7.82
C LEU A 441 -12.41 -18.06 -7.80
N LEU A 442 -12.29 -16.78 -8.16
CA LEU A 442 -10.96 -16.15 -8.12
C LEU A 442 -10.62 -15.97 -6.64
N GLU A 443 -9.51 -16.54 -6.18
CA GLU A 443 -9.15 -16.39 -4.77
C GLU A 443 -8.28 -15.16 -4.54
N VAL A 444 -8.93 -14.01 -4.41
CA VAL A 444 -8.26 -12.74 -4.20
C VAL A 444 -9.10 -11.83 -3.32
N GLY A 445 -8.46 -10.84 -2.72
CA GLY A 445 -9.17 -9.90 -1.88
C GLY A 445 -10.13 -9.01 -2.67
N ALA A 446 -9.82 -8.74 -3.94
CA ALA A 446 -10.68 -7.88 -4.74
C ALA A 446 -10.67 -8.18 -6.22
N ILE A 447 -11.82 -8.02 -6.86
CA ILE A 447 -11.93 -8.26 -8.29
C ILE A 447 -12.46 -6.99 -8.97
N TYR A 448 -11.77 -6.57 -10.03
CA TYR A 448 -12.16 -5.39 -10.77
C TYR A 448 -12.82 -5.79 -12.07
N ILE A 449 -14.11 -5.49 -12.19
CA ILE A 449 -14.83 -5.82 -13.38
C ILE A 449 -14.70 -4.67 -14.37
N ASN A 450 -14.21 -5.00 -15.56
CA ASN A 450 -14.01 -4.04 -16.64
C ASN A 450 -13.14 -2.84 -16.34
N ASP A 451 -12.08 -3.06 -15.59
CA ASP A 451 -11.13 -2.01 -15.28
C ASP A 451 -9.87 -2.66 -14.79
N MET A 452 -8.78 -1.92 -14.82
CA MET A 452 -7.53 -2.45 -14.31
C MET A 452 -7.63 -2.34 -12.80
N PRO A 453 -6.88 -3.16 -12.08
CA PRO A 453 -6.94 -3.09 -10.63
C PRO A 453 -6.33 -1.75 -10.18
N ARG A 454 -7.01 -1.04 -9.29
CA ARG A 454 -6.51 0.24 -8.79
C ARG A 454 -7.07 0.50 -7.38
N HIS A 455 -6.21 0.42 -6.38
CA HIS A 455 -6.67 0.65 -5.01
C HIS A 455 -7.06 2.10 -4.71
N GLY A 456 -6.46 3.04 -5.43
CA GLY A 456 -6.78 4.45 -5.21
C GLY A 456 -6.51 4.83 -3.76
N ILE A 457 -7.47 5.47 -3.13
CA ILE A 457 -7.27 5.86 -1.75
C ILE A 457 -7.98 4.88 -0.82
N GLY A 458 -8.48 3.77 -1.39
CA GLY A 458 -9.15 2.78 -0.57
C GLY A 458 -10.62 3.08 -0.38
N TYR A 459 -11.22 3.75 -1.34
CA TYR A 459 -12.63 4.06 -1.28
C TYR A 459 -13.33 2.69 -1.14
N TYR A 460 -12.77 1.69 -1.81
CA TYR A 460 -13.26 0.31 -1.73
C TYR A 460 -12.15 -0.43 -0.99
N PRO A 461 -12.49 -1.24 0.02
CA PRO A 461 -11.45 -1.96 0.77
C PRO A 461 -10.68 -2.96 -0.10
N PHE A 462 -9.42 -3.16 0.23
CA PHE A 462 -8.57 -4.07 -0.55
C PHE A 462 -7.60 -4.75 0.38
N GLY A 463 -7.07 -5.89 -0.05
CA GLY A 463 -6.15 -6.61 0.79
C GLY A 463 -5.93 -8.00 0.23
N GLY A 464 -5.05 -8.76 0.85
CA GLY A 464 -4.78 -10.05 0.29
C GLY A 464 -5.39 -11.35 0.78
N ARG A 465 -5.15 -12.36 -0.03
CA ARG A 465 -5.54 -13.73 0.21
C ARG A 465 -4.25 -14.47 -0.09
N LYS A 466 -4.16 -15.72 0.36
CA LYS A 466 -2.99 -16.53 0.09
C LYS A 466 -1.75 -15.77 0.50
N LYS A 467 -0.71 -15.78 -0.34
CA LYS A 467 0.53 -15.09 0.00
C LYS A 467 0.45 -13.56 -0.02
N SER A 468 -0.70 -13.01 -0.41
CA SER A 468 -0.84 -11.57 -0.46
C SER A 468 -1.19 -10.93 0.88
N GLY A 469 -1.23 -11.75 1.93
CA GLY A 469 -1.53 -11.25 3.26
C GLY A 469 -2.90 -11.51 3.88
N VAL A 470 -3.22 -10.69 4.89
CA VAL A 470 -4.47 -10.82 5.62
C VAL A 470 -4.98 -9.44 6.05
N PHE A 471 -6.29 -9.33 6.21
CA PHE A 471 -6.97 -8.11 6.61
C PHE A 471 -7.03 -7.07 5.50
N ARG A 472 -7.82 -6.01 5.72
CA ARG A 472 -8.02 -5.00 4.70
C ARG A 472 -7.76 -3.56 5.12
N GLU A 473 -7.50 -2.72 4.13
CA GLU A 473 -7.34 -1.29 4.37
C GLU A 473 -8.45 -0.71 3.52
N GLY A 474 -8.93 0.47 3.88
CA GLY A 474 -9.97 1.08 3.10
C GLY A 474 -10.65 2.05 4.01
N ILE A 475 -11.36 3.00 3.42
CA ILE A 475 -12.07 3.95 4.23
C ILE A 475 -13.12 3.18 5.03
N GLY A 476 -13.09 3.36 6.33
CA GLY A 476 -14.04 2.67 7.18
C GLY A 476 -13.51 1.32 7.65
N TYR A 477 -13.29 0.41 6.70
CA TYR A 477 -12.81 -0.94 7.03
C TYR A 477 -11.49 -1.05 7.80
N ALA A 478 -10.62 -0.05 7.69
CA ALA A 478 -9.34 -0.13 8.40
C ALA A 478 -9.54 -0.03 9.91
N VAL A 479 -10.74 0.36 10.34
CA VAL A 479 -11.03 0.44 11.78
C VAL A 479 -10.72 -0.91 12.45
N GLU A 480 -10.85 -2.01 11.71
CA GLU A 480 -10.62 -3.33 12.29
C GLU A 480 -9.17 -3.60 12.67
N ALA A 481 -8.24 -2.97 11.98
CA ALA A 481 -6.84 -3.18 12.28
C ALA A 481 -6.24 -2.32 13.41
N VAL A 482 -6.87 -1.22 13.73
CA VAL A 482 -6.26 -0.32 14.72
C VAL A 482 -7.16 -0.03 15.90
N THR A 483 -8.16 -0.87 16.04
CA THR A 483 -9.15 -0.69 17.08
C THR A 483 -9.44 -2.05 17.74
N ALA A 484 -9.86 -2.04 19.01
CA ALA A 484 -10.25 -3.25 19.72
C ALA A 484 -11.65 -3.01 20.27
N TYR A 485 -12.42 -4.08 20.42
CA TYR A 485 -13.74 -3.96 20.96
C TYR A 485 -13.69 -3.96 22.49
N LYS A 486 -14.66 -3.30 23.10
CA LYS A 486 -14.77 -3.30 24.54
C LYS A 486 -16.23 -3.64 24.79
N THR A 487 -16.47 -4.72 25.53
CA THR A 487 -17.84 -5.12 25.84
C THR A 487 -18.21 -4.76 27.27
N ILE A 488 -19.39 -4.19 27.45
CA ILE A 488 -19.85 -3.88 28.78
C ILE A 488 -21.17 -4.64 28.97
N VAL A 489 -21.18 -5.53 29.95
CA VAL A 489 -22.39 -6.34 30.22
C VAL A 489 -23.03 -5.82 31.48
N PHE A 490 -24.27 -5.38 31.38
CA PHE A 490 -24.98 -4.87 32.54
C PHE A 490 -25.90 -5.94 33.07
N ASN A 491 -25.86 -6.16 34.39
CA ASN A 491 -26.71 -7.16 35.02
C ASN A 491 -27.84 -6.55 35.82
N TYR A 492 -29.08 -6.82 35.44
CA TYR A 492 -30.22 -6.31 36.17
C TYR A 492 -31.07 -7.48 36.67
N LYS A 493 -30.47 -8.66 36.78
CA LYS A 493 -31.23 -9.83 37.23
C LYS A 493 -31.96 -9.59 38.54
N GLY A 494 -33.28 -9.74 38.48
CA GLY A 494 -34.12 -9.55 39.65
C GLY A 494 -34.20 -8.12 40.18
N LYS A 495 -33.80 -7.14 39.38
CA LYS A 495 -33.82 -5.76 39.83
C LYS A 495 -35.08 -5.01 39.47
N GLY A 496 -36.02 -5.68 38.83
CA GLY A 496 -37.28 -5.03 38.49
C GLY A 496 -37.33 -4.13 37.27
N VAL A 497 -36.32 -4.21 36.41
CA VAL A 497 -36.34 -3.42 35.19
C VAL A 497 -37.33 -4.12 34.26
N TRP A 498 -37.10 -5.40 34.04
CA TRP A 498 -37.98 -6.22 33.20
C TRP A 498 -38.88 -7.09 34.09
N LYS A 499 -39.99 -7.57 33.54
CA LYS A 499 -40.91 -8.44 34.28
C LYS A 499 -40.97 -9.79 33.56
N TYR A 500 -39.85 -10.51 33.64
CA TYR A 500 -39.70 -11.82 33.01
C TYR A 500 -39.55 -11.67 31.50
N GLU A 501 -38.48 -10.99 31.08
CA GLU A 501 -38.24 -10.75 29.64
C GLU A 501 -37.04 -9.86 29.47
PA NAP B . 9.56 -4.52 1.30
O1A NAP B . 8.96 -5.81 1.71
O2A NAP B . 11.04 -4.51 1.21
O5B NAP B . 9.17 -3.28 2.21
C5B NAP B . 9.35 -3.52 3.55
C4B NAP B . 9.08 -2.32 4.44
O4B NAP B . 9.42 -3.02 5.64
C3B NAP B . 10.20 -1.30 4.20
O3B NAP B . 9.82 -0.05 4.83
C2B NAP B . 11.35 -1.92 4.91
O2B NAP B . 12.36 -0.96 5.20
C1B NAP B . 10.70 -2.60 6.14
N9A NAP B . 11.45 -3.78 6.56
C8A NAP B . 12.38 -4.53 5.85
N7A NAP B . 12.83 -5.54 6.63
C5A NAP B . 12.19 -5.40 7.80
C6A NAP B . 12.29 -6.18 8.95
N6A NAP B . 13.11 -7.22 9.02
N1A NAP B . 11.53 -5.84 10.05
C2A NAP B . 10.68 -4.78 10.01
N3A NAP B . 10.58 -4.03 8.90
C4A NAP B . 11.33 -4.32 7.77
O3 NAP B . 9.09 -4.14 -0.18
PN NAP B . 9.26 -2.87 -1.09
O1N NAP B . 10.15 -3.31 -2.17
O2N NAP B . 9.86 -1.73 -0.32
O5D NAP B . 7.78 -2.63 -1.65
C5D NAP B . 7.38 -3.40 -2.79
C4D NAP B . 6.72 -4.70 -2.32
O4D NAP B . 5.61 -4.34 -1.47
C3D NAP B . 6.13 -5.54 -3.47
O3D NAP B . 6.19 -6.99 -3.17
C2D NAP B . 4.70 -5.00 -3.53
O2D NAP B . 3.80 -5.84 -4.25
C1D NAP B . 4.39 -4.83 -2.07
N1N NAP B . 3.25 -3.92 -1.92
C2N NAP B . 2.01 -4.51 -1.50
C3N NAP B . 0.86 -3.69 -1.41
C7N NAP B . -0.51 -4.31 -0.97
O7N NAP B . -1.53 -3.61 -0.91
N7N NAP B . -0.47 -5.59 -0.71
C4N NAP B . 0.95 -2.29 -1.74
C5N NAP B . 2.21 -1.68 -2.18
C6N NAP B . 3.36 -2.52 -2.25
P2B NAP B . 13.72 -0.75 4.31
O1X NAP B . 13.28 0.09 3.11
O2X NAP B . 14.69 -0.13 5.24
O3X NAP B . 14.11 -2.14 3.82
O1 F6P C . -12.52 4.85 18.42
C1 F6P C . -13.91 5.25 18.50
C2 F6P C . -14.28 6.14 19.74
O2 F6P C . -15.56 5.66 20.26
C3 F6P C . -14.34 7.68 19.28
O3 F6P C . -15.66 8.15 19.38
C4 F6P C . -13.37 8.49 20.18
O4 F6P C . -12.51 9.36 19.51
C5 F6P C . -12.76 7.40 21.06
O5 F6P C . -13.23 6.10 20.69
C6 F6P C . -13.14 7.62 22.40
O6 F6P C . -12.55 6.58 23.16
P F6P C . -12.76 6.66 24.71
O1P F6P C . -14.20 6.99 25.10
O2P F6P C . -12.32 5.29 25.27
O3P F6P C . -11.87 7.74 25.36
NA NA D . 5.37 -10.09 21.11
#